data_4TYZ
#
_entry.id   4TYZ
#
_cell.length_a   58.860
_cell.length_b   58.860
_cell.length_c   135.120
_cell.angle_alpha   90.000
_cell.angle_beta   90.000
_cell.angle_gamma   120.000
#
_symmetry.space_group_name_H-M   'P 31 2 1'
#
loop_
_entity.id
_entity.type
_entity.pdbx_description
1 polymer 'Uncharacterized protein'
2 non-polymer 1,2-ETHANEDIOL
3 water water
#
_entity_poly.entity_id   1
_entity_poly.type   'polypeptide(L)'
_entity_poly.pdbx_seq_one_letter_code
;NIEGVFRKSFPDLAGETLLDSFNCAWVEGSALKQGYLFITPHWLCFQSTLAAAHFSIEYDEIKDIIKSKSVKMFENAIEV
KTHLNDTIFLTNFLQRDQAYSALMSQWLKQ
;
_entity_poly.pdbx_strand_id   A,B
#
loop_
_chem_comp.id
_chem_comp.type
_chem_comp.name
_chem_comp.formula
EDO non-polymer 1,2-ETHANEDIOL 'C2 H6 O2'
#
# COMPACT_ATOMS: atom_id res chain seq x y z
N ASN A 1 5.37 -6.89 12.31
CA ASN A 1 4.36 -7.93 12.50
C ASN A 1 4.02 -8.70 11.22
N ILE A 2 4.95 -8.73 10.28
CA ILE A 2 4.71 -9.38 9.00
C ILE A 2 4.41 -10.88 9.19
N GLU A 3 4.98 -11.47 10.23
CA GLU A 3 4.78 -12.89 10.48
C GLU A 3 3.33 -13.16 10.83
N GLY A 4 2.73 -12.23 11.58
CA GLY A 4 1.33 -12.34 11.96
C GLY A 4 0.42 -12.34 10.76
N VAL A 5 0.73 -11.49 9.77
CA VAL A 5 -0.07 -11.48 8.56
C VAL A 5 0.00 -12.86 7.89
N PHE A 6 1.20 -13.42 7.81
CA PHE A 6 1.36 -14.73 7.19
C PHE A 6 0.58 -15.80 7.94
N ARG A 7 0.68 -15.80 9.27
CA ARG A 7 0.07 -16.87 10.05
C ARG A 7 -1.45 -16.77 10.05
N LYS A 8 -1.97 -15.56 9.94
CA LYS A 8 -3.41 -15.38 9.81
C LYS A 8 -3.90 -15.84 8.43
N SER A 9 -3.12 -15.55 7.39
CA SER A 9 -3.59 -15.72 6.02
C SER A 9 -3.42 -17.13 5.48
N PHE A 10 -2.46 -17.86 6.01
CA PHE A 10 -2.10 -19.16 5.46
C PHE A 10 -1.98 -20.22 6.55
N PRO A 11 -3.08 -20.54 7.24
CA PRO A 11 -2.99 -21.48 8.35
C PRO A 11 -2.61 -22.89 7.89
N ASP A 12 -2.81 -23.20 6.61
CA ASP A 12 -2.37 -24.50 6.09
C ASP A 12 -0.85 -24.58 6.06
N LEU A 13 -0.18 -23.43 6.11
CA LEU A 13 1.28 -23.38 6.05
C LEU A 13 1.89 -23.11 7.44
N ALA A 14 1.17 -23.50 8.48
CA ALA A 14 1.60 -23.22 9.86
C ALA A 14 2.91 -23.90 10.25
N GLY A 15 3.31 -24.92 9.50
CA GLY A 15 4.60 -25.56 9.74
C GLY A 15 5.73 -25.00 8.91
N GLU A 16 5.41 -24.09 8.00
CA GLU A 16 6.43 -23.48 7.14
C GLU A 16 7.15 -22.34 7.84
N THR A 17 8.48 -22.35 7.79
CA THR A 17 9.22 -21.19 8.26
CA THR A 17 9.29 -21.22 8.22
C THR A 17 9.12 -20.05 7.25
N LEU A 18 9.08 -18.83 7.76
CA LEU A 18 9.05 -17.66 6.91
C LEU A 18 10.50 -17.25 6.67
N LEU A 19 10.99 -17.50 5.46
CA LEU A 19 12.39 -17.25 5.15
C LEU A 19 12.65 -15.80 4.83
N ASP A 20 11.71 -15.18 4.13
CA ASP A 20 11.87 -13.79 3.71
C ASP A 20 10.52 -13.22 3.32
N SER A 21 10.45 -11.90 3.24
CA SER A 21 9.24 -11.25 2.79
C SER A 21 9.58 -9.92 2.14
N PHE A 22 8.70 -9.49 1.23
CA PHE A 22 8.96 -8.32 0.40
C PHE A 22 7.69 -7.53 0.14
N ASN A 23 7.82 -6.21 0.17
CA ASN A 23 6.73 -5.35 -0.28
C ASN A 23 6.63 -5.38 -1.79
N CYS A 24 5.41 -5.55 -2.30
CA CYS A 24 5.16 -5.51 -3.74
C CYS A 24 3.66 -5.43 -3.97
N ALA A 25 3.26 -5.44 -5.22
CA ALA A 25 1.85 -5.41 -5.54
C ALA A 25 1.55 -6.52 -6.51
N TRP A 26 0.38 -7.10 -6.36
CA TRP A 26 -0.12 -8.10 -7.28
C TRP A 26 -0.97 -7.38 -8.31
N VAL A 27 -0.67 -7.58 -9.60
CA VAL A 27 -1.46 -6.92 -10.63
C VAL A 27 -2.11 -7.98 -11.48
N GLU A 28 -3.41 -7.80 -11.72
CA GLU A 28 -4.14 -8.67 -12.62
C GLU A 28 -5.04 -7.81 -13.47
N GLY A 29 -4.67 -7.71 -14.75
CA GLY A 29 -5.31 -6.77 -15.64
C GLY A 29 -5.21 -5.36 -15.09
N SER A 30 -6.35 -4.72 -14.89
CA SER A 30 -6.37 -3.33 -14.44
C SER A 30 -6.42 -3.18 -12.93
N ALA A 31 -6.42 -4.31 -12.22
CA ALA A 31 -6.48 -4.30 -10.76
C ALA A 31 -5.09 -4.42 -10.14
N LEU A 32 -4.80 -3.55 -9.17
CA LEU A 32 -3.55 -3.63 -8.43
C LEU A 32 -3.85 -3.74 -6.94
N LYS A 33 -3.16 -4.68 -6.29
CA LYS A 33 -3.28 -4.86 -4.84
C LYS A 33 -1.93 -4.81 -4.16
N GLN A 34 -1.68 -3.76 -3.38
CA GLN A 34 -0.46 -3.68 -2.60
C GLN A 34 -0.46 -4.74 -1.50
N GLY A 35 0.68 -5.38 -1.26
CA GLY A 35 0.72 -6.40 -0.24
C GLY A 35 2.12 -6.92 0.03
N TYR A 36 2.18 -8.17 0.44
CA TYR A 36 3.43 -8.79 0.87
C TYR A 36 3.63 -10.10 0.14
N LEU A 37 4.83 -10.25 -0.39
CA LEU A 37 5.30 -11.52 -0.93
C LEU A 37 6.00 -12.28 0.19
N PHE A 38 5.60 -13.52 0.42
CA PHE A 38 6.22 -14.38 1.44
C PHE A 38 6.95 -15.54 0.80
N ILE A 39 8.17 -15.80 1.26
CA ILE A 39 8.96 -16.92 0.77
C ILE A 39 9.16 -17.92 1.91
N THR A 40 8.71 -19.15 1.69
CA THR A 40 8.91 -20.22 2.64
C THR A 40 9.67 -21.33 1.93
N PRO A 41 10.04 -22.40 2.64
CA PRO A 41 10.81 -23.42 1.92
C PRO A 41 10.05 -24.08 0.77
N HIS A 42 8.73 -24.18 0.86
CA HIS A 42 7.96 -24.89 -0.17
C HIS A 42 6.98 -24.00 -0.95
N TRP A 43 6.75 -22.78 -0.47
CA TRP A 43 5.68 -21.94 -1.01
C TRP A 43 6.06 -20.52 -1.29
N LEU A 44 5.47 -20.02 -2.37
CA LEU A 44 5.50 -18.62 -2.71
CA LEU A 44 5.50 -18.62 -2.72
C LEU A 44 4.11 -18.07 -2.45
N CYS A 45 3.99 -17.10 -1.55
CA CYS A 45 2.67 -16.60 -1.16
C CYS A 45 2.58 -15.10 -1.26
N PHE A 46 1.37 -14.62 -1.44
CA PHE A 46 1.11 -13.18 -1.44
C PHE A 46 -0.16 -12.91 -0.67
N GLN A 47 -0.12 -11.88 0.20
CA GLN A 47 -1.33 -11.38 0.85
C GLN A 47 -1.46 -9.88 0.64
N SER A 48 -2.64 -9.44 0.18
CA SER A 48 -2.93 -8.01 0.07
C SER A 48 -2.98 -7.36 1.45
N THR A 49 -2.42 -6.17 1.54
CA THR A 49 -2.37 -5.43 2.79
C THR A 49 -3.76 -5.03 3.25
N LEU A 50 -4.57 -4.55 2.32
CA LEU A 50 -5.86 -3.97 2.71
C LEU A 50 -7.04 -4.61 2.00
N ALA A 51 -6.84 -5.82 1.51
CA ALA A 51 -7.91 -6.56 0.85
C ALA A 51 -7.77 -8.05 1.11
N ALA A 52 -8.79 -8.81 0.78
CA ALA A 52 -8.78 -10.26 0.98
C ALA A 52 -7.83 -11.02 0.04
N ALA A 53 -7.63 -10.47 -1.15
CA ALA A 53 -6.90 -11.16 -2.22
C ALA A 53 -5.56 -11.71 -1.77
N HIS A 54 -5.35 -12.99 -2.06
CA HIS A 54 -4.12 -13.65 -1.70
C HIS A 54 -3.93 -14.88 -2.57
N PHE A 55 -2.70 -15.37 -2.65
CA PHE A 55 -2.48 -16.65 -3.30
C PHE A 55 -1.33 -17.38 -2.64
N SER A 56 -1.26 -18.69 -2.88
CA SER A 56 -0.08 -19.46 -2.50
C SER A 56 0.16 -20.48 -3.57
N ILE A 57 1.42 -20.63 -3.97
CA ILE A 57 1.77 -21.57 -5.01
C ILE A 57 3.04 -22.31 -4.58
N GLU A 58 3.02 -23.63 -4.76
CA GLU A 58 4.18 -24.43 -4.38
C GLU A 58 5.28 -24.24 -5.43
N TYR A 59 6.55 -24.24 -5.02
CA TYR A 59 7.61 -24.13 -6.03
C TYR A 59 7.53 -25.23 -7.07
N ASP A 60 6.97 -26.40 -6.73
CA ASP A 60 6.89 -27.47 -7.71
C ASP A 60 5.74 -27.26 -8.70
N GLU A 61 5.03 -26.14 -8.54
CA GLU A 61 3.97 -25.72 -9.46
C GLU A 61 4.43 -24.59 -10.39
N ILE A 62 5.65 -24.10 -10.14
CA ILE A 62 6.17 -22.94 -10.88
C ILE A 62 7.05 -23.41 -12.03
N LYS A 63 6.70 -22.99 -13.24
CA LYS A 63 7.43 -23.37 -14.43
C LYS A 63 8.60 -22.44 -14.74
N ASP A 64 8.41 -21.15 -14.48
CA ASP A 64 9.43 -20.15 -14.80
C ASP A 64 9.21 -18.90 -13.97
N ILE A 65 10.28 -18.16 -13.75
CA ILE A 65 10.23 -16.89 -13.02
C ILE A 65 11.09 -15.92 -13.81
N ILE A 66 10.48 -14.81 -14.23
CA ILE A 66 11.14 -13.83 -15.10
C ILE A 66 11.29 -12.49 -14.39
N LYS A 67 12.48 -11.90 -14.46
CA LYS A 67 12.71 -10.56 -13.92
C LYS A 67 12.43 -9.60 -15.06
N SER A 68 11.20 -9.08 -15.10
CA SER A 68 10.67 -8.39 -16.28
C SER A 68 11.54 -7.24 -16.76
N LYS A 69 11.76 -7.19 -18.07
CA LYS A 69 12.46 -6.07 -18.66
C LYS A 69 11.69 -4.77 -18.48
N SER A 70 12.42 -3.68 -18.33
CA SER A 70 11.81 -2.40 -18.06
C SER A 70 12.77 -1.28 -18.43
N VAL A 71 12.26 -0.23 -19.05
CA VAL A 71 13.04 0.98 -19.15
C VAL A 71 12.32 2.11 -18.42
N LYS A 72 11.45 1.73 -17.47
CA LYS A 72 10.68 2.72 -16.72
C LYS A 72 11.21 2.82 -15.29
N MET A 73 11.26 4.04 -14.78
CA MET A 73 11.94 4.31 -13.52
C MET A 73 11.30 3.59 -12.33
N PHE A 74 9.98 3.58 -12.30
CA PHE A 74 9.29 3.09 -11.11
C PHE A 74 8.50 1.82 -11.34
N GLU A 75 8.80 1.12 -12.43
CA GLU A 75 8.24 -0.21 -12.65
CA GLU A 75 8.23 -0.20 -12.58
C GLU A 75 9.33 -1.24 -12.40
N ASN A 76 9.05 -2.18 -11.51
CA ASN A 76 9.99 -3.20 -11.05
C ASN A 76 9.21 -4.47 -10.82
N ALA A 77 9.06 -5.29 -11.87
CA ALA A 77 8.15 -6.43 -11.82
C ALA A 77 8.85 -7.77 -11.94
N ILE A 78 8.17 -8.78 -11.42
CA ILE A 78 8.56 -10.17 -11.56
C ILE A 78 7.34 -10.94 -12.08
N GLU A 79 7.56 -11.82 -13.04
CA GLU A 79 6.49 -12.63 -13.58
CA GLU A 79 6.50 -12.62 -13.62
C GLU A 79 6.68 -14.09 -13.24
N VAL A 80 5.64 -14.69 -12.70
CA VAL A 80 5.69 -16.11 -12.31
C VAL A 80 4.77 -16.91 -13.22
N LYS A 81 5.34 -17.87 -13.93
CA LYS A 81 4.59 -18.72 -14.83
CA LYS A 81 4.59 -18.72 -14.84
C LYS A 81 4.37 -20.07 -14.19
N THR A 82 3.14 -20.55 -14.21
CA THR A 82 2.86 -21.85 -13.59
C THR A 82 2.84 -22.98 -14.62
N HIS A 83 2.90 -24.22 -14.13
CA HIS A 83 2.87 -25.37 -15.02
C HIS A 83 1.50 -25.54 -15.67
N LEU A 84 0.49 -24.87 -15.10
CA LEU A 84 -0.85 -24.89 -15.67
C LEU A 84 -1.03 -23.71 -16.61
N ASN A 85 0.09 -23.10 -16.99
CA ASN A 85 0.14 -21.95 -17.89
C ASN A 85 -0.62 -20.71 -17.41
N ASP A 86 -0.65 -20.50 -16.09
CA ASP A 86 -1.11 -19.23 -15.55
C ASP A 86 0.08 -18.30 -15.42
N THR A 87 -0.15 -17.00 -15.48
CA THR A 87 0.93 -16.06 -15.21
C THR A 87 0.53 -15.12 -14.08
N ILE A 88 1.39 -15.02 -13.08
CA ILE A 88 1.18 -14.11 -11.95
C ILE A 88 2.13 -12.93 -12.09
N PHE A 89 1.57 -11.72 -12.04
CA PHE A 89 2.36 -10.51 -12.18
C PHE A 89 2.54 -9.83 -10.83
N LEU A 90 3.78 -9.70 -10.39
CA LEU A 90 4.10 -8.97 -9.17
C LEU A 90 4.91 -7.74 -9.52
N THR A 91 4.49 -6.59 -9.01
CA THR A 91 5.06 -5.29 -9.41
CA THR A 91 5.17 -5.35 -9.40
C THR A 91 5.40 -4.42 -8.21
N ASN A 92 5.92 -3.22 -8.46
CA ASN A 92 6.17 -2.24 -7.40
CA ASN A 92 6.13 -2.26 -7.38
C ASN A 92 7.06 -2.78 -6.29
N PHE A 93 8.04 -3.61 -6.64
CA PHE A 93 8.99 -4.07 -5.63
C PHE A 93 9.87 -2.93 -5.17
N LEU A 94 10.14 -2.86 -3.87
CA LEU A 94 11.16 -1.95 -3.36
C LEU A 94 12.55 -2.58 -3.47
N GLN A 95 12.59 -3.89 -3.38
CA GLN A 95 13.85 -4.63 -3.43
CA GLN A 95 13.85 -4.64 -3.42
C GLN A 95 13.73 -5.80 -4.40
N ARG A 96 13.54 -5.49 -5.68
CA ARG A 96 13.25 -6.55 -6.65
C ARG A 96 14.39 -7.53 -6.83
N ASP A 97 15.61 -7.03 -6.91
CA ASP A 97 16.77 -7.91 -7.07
C ASP A 97 16.86 -8.89 -5.92
N GLN A 98 16.68 -8.39 -4.70
CA GLN A 98 16.74 -9.23 -3.51
C GLN A 98 15.60 -10.23 -3.52
N ALA A 99 14.40 -9.78 -3.91
CA ALA A 99 13.24 -10.67 -3.98
C ALA A 99 13.49 -11.77 -4.99
N TYR A 100 14.00 -11.40 -6.15
CA TYR A 100 14.21 -12.35 -7.21
C TYR A 100 15.26 -13.38 -6.78
N SER A 101 16.32 -12.91 -6.12
CA SER A 101 17.35 -13.81 -5.62
C SER A 101 16.79 -14.77 -4.59
N ALA A 102 15.94 -14.27 -3.69
CA ALA A 102 15.36 -15.12 -2.66
C ALA A 102 14.44 -16.17 -3.29
N LEU A 103 13.67 -15.76 -4.31
CA LEU A 103 12.85 -16.70 -5.08
C LEU A 103 13.69 -17.79 -5.73
N MET A 104 14.74 -17.39 -6.45
CA MET A 104 15.62 -18.35 -7.11
C MET A 104 16.14 -19.38 -6.14
N SER A 105 16.54 -18.92 -4.96
CA SER A 105 17.18 -19.80 -3.99
CA SER A 105 17.18 -19.81 -3.99
C SER A 105 16.25 -20.95 -3.58
N GLN A 106 14.96 -20.66 -3.47
CA GLN A 106 14.03 -21.70 -3.07
C GLN A 106 13.51 -22.49 -4.25
N TRP A 107 13.25 -21.80 -5.35
CA TRP A 107 12.73 -22.46 -6.54
C TRP A 107 13.77 -23.41 -7.15
N LEU A 108 15.01 -22.96 -7.24
CA LEU A 108 16.07 -23.79 -7.83
C LEU A 108 16.62 -24.82 -6.84
N LYS A 109 16.18 -24.75 -5.59
CA LYS A 109 16.54 -25.70 -4.55
C LYS A 109 18.05 -25.73 -4.29
N ASN B 1 -2.60 0.07 16.58
CA ASN B 1 -1.31 0.72 16.82
C ASN B 1 -1.10 1.94 15.92
N ILE B 2 -2.17 2.45 15.33
CA ILE B 2 -2.08 3.61 14.44
C ILE B 2 -1.55 4.83 15.20
N GLU B 3 -1.87 4.92 16.49
CA GLU B 3 -1.39 6.05 17.28
C GLU B 3 0.12 6.06 17.32
N GLY B 4 0.73 4.89 17.44
CA GLY B 4 2.19 4.80 17.44
C GLY B 4 2.81 5.25 16.14
N VAL B 5 2.18 4.91 15.03
CA VAL B 5 2.64 5.35 13.73
C VAL B 5 2.60 6.88 13.69
N PHE B 6 1.52 7.45 14.22
CA PHE B 6 1.39 8.90 14.22
C PHE B 6 2.51 9.54 15.04
N ARG B 7 2.76 9.00 16.23
CA ARG B 7 3.76 9.59 17.12
C ARG B 7 5.18 9.47 16.54
N LYS B 8 5.47 8.35 15.90
CA LYS B 8 6.79 8.19 15.29
C LYS B 8 6.97 9.12 14.08
N SER B 9 5.87 9.37 13.36
CA SER B 9 5.94 10.11 12.11
C SER B 9 5.91 11.61 12.31
N PHE B 10 5.23 12.05 13.38
CA PHE B 10 5.08 13.46 13.69
C PHE B 10 5.39 13.74 15.16
N PRO B 11 6.64 13.55 15.54
CA PRO B 11 7.00 13.62 16.96
C PRO B 11 6.82 14.99 17.59
N ASP B 12 6.76 16.05 16.79
CA ASP B 12 6.63 17.37 17.37
C ASP B 12 5.17 17.71 17.66
N LEU B 13 4.25 16.85 17.22
CA LEU B 13 2.83 17.07 17.49
C LEU B 13 2.39 16.33 18.76
N ALA B 14 3.28 16.33 19.75
CA ALA B 14 3.09 15.59 20.99
C ALA B 14 1.86 15.97 21.80
N GLY B 15 1.38 17.21 21.60
CA GLY B 15 0.19 17.68 22.30
C GLY B 15 -1.11 17.50 21.56
N GLU B 16 -1.03 16.99 20.34
CA GLU B 16 -2.20 16.74 19.51
C GLU B 16 -2.78 15.36 19.75
N THR B 17 -4.05 15.28 20.14
CA THR B 17 -4.67 13.96 20.20
CA THR B 17 -4.74 13.99 20.20
C THR B 17 -5.04 13.50 18.79
N LEU B 18 -5.09 12.18 18.60
CA LEU B 18 -5.45 11.65 17.29
C LEU B 18 -6.97 11.44 17.29
N LEU B 19 -7.68 12.33 16.61
CA LEU B 19 -9.14 12.24 16.58
C LEU B 19 -9.65 11.11 15.71
N ASP B 20 -8.96 10.87 14.60
CA ASP B 20 -9.39 9.85 13.65
C ASP B 20 -8.25 9.58 12.69
N SER B 21 -8.33 8.46 11.99
CA SER B 21 -7.30 8.08 11.03
C SER B 21 -7.91 7.20 9.96
N PHE B 22 -7.33 7.27 8.75
CA PHE B 22 -7.88 6.55 7.61
C PHE B 22 -6.80 6.06 6.68
N ASN B 23 -7.00 4.86 6.15
CA ASN B 23 -6.19 4.36 5.05
C ASN B 23 -6.53 5.11 3.78
N CYS B 24 -5.50 5.55 3.05
CA CYS B 24 -5.72 6.18 1.76
C CYS B 24 -4.37 6.32 1.08
N ALA B 25 -4.36 6.89 -0.11
CA ALA B 25 -3.11 7.10 -0.81
C ALA B 25 -3.02 8.55 -1.23
N TRP B 26 -1.82 9.11 -1.09
CA TRP B 26 -1.53 10.44 -1.58
C TRP B 26 -1.11 10.32 -3.04
N VAL B 27 -1.78 11.03 -3.93
CA VAL B 27 -1.44 10.98 -5.36
C VAL B 27 -1.01 12.35 -5.82
N GLU B 28 0.12 12.40 -6.51
CA GLU B 28 0.61 13.63 -7.08
C GLU B 28 1.17 13.35 -8.45
N GLY B 29 0.46 13.79 -9.49
CA GLY B 29 0.85 13.46 -10.84
C GLY B 29 0.94 11.97 -11.01
N SER B 30 2.10 11.49 -11.47
CA SER B 30 2.29 10.07 -11.75
C SER B 30 2.65 9.25 -10.52
N ALA B 31 2.74 9.89 -9.36
CA ALA B 31 3.17 9.20 -8.15
C ALA B 31 1.99 8.90 -7.21
N LEU B 32 1.95 7.67 -6.72
CA LEU B 32 0.95 7.28 -5.71
C LEU B 32 1.65 6.65 -4.52
N LYS B 33 1.28 7.10 -3.33
CA LYS B 33 1.84 6.57 -2.09
C LYS B 33 0.75 6.16 -1.11
N GLN B 34 0.61 4.86 -0.88
CA GLN B 34 -0.31 4.37 0.13
CA GLN B 34 -0.31 4.36 0.13
C GLN B 34 0.16 4.79 1.52
N GLY B 35 -0.77 5.17 2.38
CA GLY B 35 -0.40 5.56 3.71
C GLY B 35 -1.58 5.80 4.63
N TYR B 36 -1.38 6.68 5.59
CA TYR B 36 -2.39 6.96 6.60
C TYR B 36 -2.64 8.45 6.71
N LEU B 37 -3.92 8.82 6.72
CA LEU B 37 -4.36 10.17 6.99
C LEU B 37 -4.71 10.30 8.46
N PHE B 38 -4.18 11.34 9.10
CA PHE B 38 -4.36 11.56 10.54
C PHE B 38 -5.09 12.87 10.78
N ILE B 39 -6.18 12.84 11.54
CA ILE B 39 -6.93 14.03 11.86
C ILE B 39 -6.71 14.40 13.32
N THR B 40 -6.15 15.58 13.57
CA THR B 40 -5.94 16.07 14.94
C THR B 40 -6.67 17.40 15.14
N PRO B 41 -6.68 17.94 16.36
CA PRO B 41 -7.44 19.18 16.53
C PRO B 41 -6.93 20.35 15.68
N HIS B 42 -5.63 20.41 15.45
CA HIS B 42 -5.06 21.56 14.73
C HIS B 42 -4.48 21.19 13.38
N TRP B 43 -4.29 19.90 13.15
CA TRP B 43 -3.51 19.47 11.99
C TRP B 43 -4.16 18.34 11.22
N LEU B 44 -4.01 18.41 9.90
CA LEU B 44 -4.28 17.29 9.03
C LEU B 44 -2.95 16.75 8.52
N CYS B 45 -2.68 15.47 8.79
CA CYS B 45 -1.38 14.89 8.46
C CYS B 45 -1.50 13.64 7.61
N PHE B 46 -0.45 13.34 6.86
CA PHE B 46 -0.39 12.09 6.10
C PHE B 46 1.01 11.54 6.17
N GLN B 47 1.11 10.23 6.38
CA GLN B 47 2.40 9.55 6.28
C GLN B 47 2.31 8.35 5.35
N SER B 48 3.25 8.27 4.40
CA SER B 48 3.36 7.12 3.50
C SER B 48 3.79 5.88 4.27
N THR B 49 3.19 4.74 3.94
CA THR B 49 3.51 3.49 4.63
C THR B 49 4.92 3.03 4.29
N LEU B 50 5.31 3.17 3.03
CA LEU B 50 6.54 2.55 2.55
C LEU B 50 7.55 3.54 1.99
N ALA B 51 7.33 4.83 2.27
CA ALA B 51 8.23 5.87 1.80
C ALA B 51 8.27 6.98 2.84
N ALA B 52 9.24 7.88 2.70
CA ALA B 52 9.39 8.97 3.64
C ALA B 52 8.30 10.02 3.48
N ALA B 53 7.76 10.14 2.26
CA ALA B 53 6.81 11.20 1.91
C ALA B 53 5.70 11.40 2.92
N HIS B 54 5.53 12.64 3.37
CA HIS B 54 4.50 12.96 4.33
C HIS B 54 4.11 14.41 4.19
N PHE B 55 2.97 14.79 4.75
CA PHE B 55 2.63 16.19 4.86
C PHE B 55 1.90 16.48 6.15
N SER B 56 1.91 17.75 6.53
CA SER B 56 1.08 18.26 7.61
C SER B 56 0.58 19.63 7.18
N ILE B 57 -0.69 19.91 7.45
CA ILE B 57 -1.27 21.19 7.07
C ILE B 57 -2.30 21.58 8.13
N GLU B 58 -2.33 22.85 8.48
CA GLU B 58 -3.32 23.33 9.44
C GLU B 58 -4.66 23.53 8.75
N TYR B 59 -5.75 23.37 9.49
CA TYR B 59 -7.07 23.62 8.89
C TYR B 59 -7.22 25.03 8.35
N ASP B 60 -6.57 26.02 8.98
CA ASP B 60 -6.65 27.38 8.49
C ASP B 60 -5.96 27.54 7.13
N GLU B 61 -5.13 26.58 6.75
CA GLU B 61 -4.46 26.64 5.46
C GLU B 61 -5.28 25.99 4.36
N ILE B 62 -6.38 25.35 4.75
CA ILE B 62 -7.24 24.64 3.81
C ILE B 62 -8.35 25.56 3.32
N LYS B 63 -8.42 25.75 2.01
CA LYS B 63 -9.42 26.60 1.37
C LYS B 63 -10.72 25.84 1.11
N ASP B 64 -10.61 24.56 0.75
CA ASP B 64 -11.80 23.77 0.46
C ASP B 64 -11.49 22.29 0.51
N ILE B 65 -12.55 21.49 0.69
CA ILE B 65 -12.45 20.05 0.69
C ILE B 65 -13.57 19.53 -0.17
N ILE B 66 -13.21 18.72 -1.14
CA ILE B 66 -14.14 18.21 -2.15
C ILE B 66 -14.15 16.68 -2.13
N LYS B 67 -15.33 16.08 -2.12
CA LYS B 67 -15.46 14.64 -2.29
C LYS B 67 -15.62 14.39 -3.77
N SER B 68 -14.56 13.94 -4.43
CA SER B 68 -14.49 13.92 -5.88
C SER B 68 -15.61 13.12 -6.53
N LYS B 69 -16.18 13.72 -7.57
CA LYS B 69 -17.24 13.10 -8.36
C LYS B 69 -16.71 12.86 -9.77
N SER B 70 -16.97 11.69 -10.33
CA SER B 70 -16.55 11.40 -11.70
C SER B 70 -17.37 10.27 -12.27
N VAL B 71 -17.03 9.83 -13.47
CA VAL B 71 -17.67 8.64 -14.02
C VAL B 71 -16.69 7.48 -14.02
N LYS B 72 -15.66 7.58 -13.18
CA LYS B 72 -14.70 6.49 -12.99
C LYS B 72 -15.26 5.49 -11.98
N MET B 73 -15.23 4.21 -12.32
CA MET B 73 -15.90 3.21 -11.51
C MET B 73 -15.38 3.18 -10.09
N PHE B 74 -14.07 3.31 -9.97
CA PHE B 74 -13.44 3.26 -8.67
C PHE B 74 -13.05 4.65 -8.21
N GLU B 75 -13.88 5.63 -8.55
CA GLU B 75 -13.73 6.97 -8.00
C GLU B 75 -13.70 6.88 -6.49
N ASN B 76 -12.60 7.31 -5.87
CA ASN B 76 -12.53 7.15 -4.45
C ASN B 76 -11.68 8.23 -3.79
N ALA B 77 -11.76 9.45 -4.33
CA ALA B 77 -10.87 10.52 -3.93
C ALA B 77 -11.49 11.65 -3.12
N ILE B 78 -10.63 12.28 -2.33
CA ILE B 78 -10.94 13.55 -1.68
C ILE B 78 -9.88 14.55 -2.09
N GLU B 79 -10.31 15.75 -2.47
CA GLU B 79 -9.39 16.81 -2.84
CA GLU B 79 -9.40 16.81 -2.86
C GLU B 79 -9.34 17.88 -1.78
N VAL B 80 -8.13 18.20 -1.32
CA VAL B 80 -7.95 19.24 -0.30
C VAL B 80 -7.25 20.40 -0.98
N LYS B 81 -7.96 21.51 -1.11
CA LYS B 81 -7.44 22.69 -1.77
CA LYS B 81 -7.44 22.69 -1.77
C LYS B 81 -6.87 23.65 -0.74
N THR B 82 -5.70 24.21 -1.03
CA THR B 82 -5.12 25.18 -0.10
C THR B 82 -5.35 26.62 -0.53
N HIS B 83 -5.11 27.56 0.38
CA HIS B 83 -5.29 28.97 0.06
C HIS B 83 -4.25 29.45 -0.93
N LEU B 84 -3.16 28.69 -1.04
CA LEU B 84 -2.11 29.01 -1.98
C LEU B 84 -2.35 28.33 -3.33
N ASN B 85 -3.58 27.87 -3.53
CA ASN B 85 -4.08 27.30 -4.79
C ASN B 85 -3.58 25.91 -5.15
N ASP B 86 -2.87 25.25 -4.22
CA ASP B 86 -2.43 23.88 -4.44
C ASP B 86 -3.54 22.89 -4.10
N THR B 87 -3.51 21.72 -4.73
CA THR B 87 -4.47 20.69 -4.38
C THR B 87 -3.73 19.43 -3.92
N ILE B 88 -4.16 18.90 -2.78
CA ILE B 88 -3.70 17.60 -2.31
C ILE B 88 -4.74 16.56 -2.71
N PHE B 89 -4.34 15.57 -3.50
CA PHE B 89 -5.24 14.50 -3.92
C PHE B 89 -5.06 13.26 -3.04
N LEU B 90 -6.13 12.83 -2.39
CA LEU B 90 -6.11 11.60 -1.58
C LEU B 90 -7.06 10.62 -2.21
N THR B 91 -6.60 9.39 -2.43
CA THR B 91 -7.41 8.38 -3.10
CA THR B 91 -7.47 8.39 -3.06
C THR B 91 -7.37 7.06 -2.33
N ASN B 92 -8.00 6.03 -2.89
CA ASN B 92 -7.96 4.69 -2.31
C ASN B 92 -8.48 4.63 -0.88
N PHE B 93 -9.46 5.44 -0.55
CA PHE B 93 -10.11 5.33 0.76
C PHE B 93 -10.87 4.02 0.90
N LEU B 94 -10.68 3.35 2.04
CA LEU B 94 -11.52 2.21 2.38
C LEU B 94 -12.87 2.71 2.87
N GLN B 95 -12.86 3.89 3.51
CA GLN B 95 -14.04 4.48 4.10
C GLN B 95 -14.16 5.96 3.73
N ARG B 96 -14.37 6.25 2.44
CA ARG B 96 -14.31 7.66 2.00
C ARG B 96 -15.39 8.52 2.64
N ASP B 97 -16.60 8.00 2.75
CA ASP B 97 -17.67 8.80 3.34
C ASP B 97 -17.35 9.16 4.78
N GLN B 98 -16.85 8.19 5.55
CA GLN B 98 -16.44 8.46 6.93
C GLN B 98 -15.28 9.43 7.00
N ALA B 99 -14.30 9.28 6.13
CA ALA B 99 -13.15 10.17 6.13
C ALA B 99 -13.57 11.59 5.80
N TYR B 100 -14.42 11.72 4.79
CA TYR B 100 -14.88 13.04 4.40
C TYR B 100 -15.66 13.70 5.55
N SER B 101 -16.55 12.95 6.18
CA SER B 101 -17.32 13.52 7.29
C SER B 101 -16.41 13.94 8.44
N ALA B 102 -15.40 13.14 8.70
CA ALA B 102 -14.46 13.44 9.78
C ALA B 102 -13.67 14.69 9.46
N LEU B 103 -13.23 14.82 8.19
CA LEU B 103 -12.51 16.00 7.76
C LEU B 103 -13.35 17.25 7.88
N MET B 104 -14.58 17.19 7.38
CA MET B 104 -15.45 18.35 7.40
C MET B 104 -15.79 18.76 8.82
N SER B 105 -15.92 17.78 9.71
CA SER B 105 -16.23 18.04 11.11
CA SER B 105 -16.24 18.07 11.10
C SER B 105 -15.15 18.90 11.76
N GLN B 106 -13.90 18.67 11.41
CA GLN B 106 -12.82 19.41 12.04
CA GLN B 106 -12.81 19.40 12.04
C GLN B 106 -12.50 20.70 11.29
N TRP B 107 -12.68 20.68 9.98
CA TRP B 107 -12.37 21.86 9.18
C TRP B 107 -13.43 22.94 9.37
N LEU B 108 -14.71 22.54 9.41
CA LEU B 108 -15.80 23.50 9.58
C LEU B 108 -15.99 23.89 11.04
N LYS B 109 -15.50 23.06 11.95
CA LYS B 109 -15.62 23.36 13.38
C LYS B 109 -14.25 23.50 14.03
C1 EDO C . -1.37 -29.03 6.60
O1 EDO C . -0.61 -28.01 7.25
C2 EDO C . -2.57 -29.41 7.48
O2 EDO C . -3.42 -28.26 7.59
#